data_4MQS
#
_entry.id   4MQS
#
_cell.length_a   62.896
_cell.length_b   78.130
_cell.length_c   163.482
_cell.angle_alpha   90.00
_cell.angle_beta   90.00
_cell.angle_gamma   90.00
#
_symmetry.space_group_name_H-M   'P 21 21 21'
#
loop_
_entity.id
_entity.type
_entity.pdbx_description
1 polymer 'Muscarinic acetylcholine receptor M2'
2 polymer 'Nanobody 9-8'
3 non-polymer 4-(4,5-dihydro-1,2-oxazol-3-yloxy)-N,N,N-trimethylbut-2-yn-1-aminium
#
loop_
_entity_poly.entity_id
_entity_poly.type
_entity_poly.pdbx_seq_one_letter_code
_entity_poly.pdbx_strand_id
1 'polypeptide(L)'
;DYKDDDENLYFQGLEMDDSTDSSDNSLALTSPYLEKTFEVVFIVLVAGSLSLVTIIGNILVMVSIKVNRHLQTVNNYFLF
SLACADLIIGVFSMNLYTLYTVIGYWPLGPVVCDLWLALDYVVSNASVMNLLIISFDRYFCVTKPLTYPVKRTTKMAGMM
IAAAWVLSFILWAPAILFWQFIVGVRTVEDGECYIQFFSNAAVTFGTAIAAFYLPVIIMTVLYWHISRASKSRIKKDKKE
PVANQDPVSTRKKPPPSREKKVTRTILAILLAFIITWAPYNVMVLINTFCAPCIPNTVWTIGYWLCYINSTINPACYALC
NATFKKTFKHLLMCHYKNIGATRHHHHHHHH
;
A
2 'polypeptide(L)'
;GPGSQVQLQESGGGLVQAGDSLRLSCAASGFDFDNFDDYAIGWFRQAPGQEREGVSCIDPSDGSTIYADSAKGRFTISSD
NAENTVYLQMNSLKPEDTAVYVCSAWTLFHSDEYWGQGTQVTVSS
;
B
#
loop_
_chem_comp.id
_chem_comp.type
_chem_comp.name
_chem_comp.formula
IXO non-polymer 4-(4,5-dihydro-1,2-oxazol-3-yloxy)-N,N,N-trimethylbut-2-yn-1-aminium 'C10 H17 N2 O2 1'
#
# COMPACT_ATOMS: atom_id res chain seq x y z
N LYS A 36 -41.77 -7.02 10.54
CA LYS A 36 -41.24 -6.16 9.47
C LYS A 36 -40.67 -4.86 10.03
N THR A 37 -40.98 -4.58 11.28
CA THR A 37 -40.48 -3.38 11.94
C THR A 37 -39.09 -3.62 12.50
N PHE A 38 -38.78 -4.88 12.77
CA PHE A 38 -37.46 -5.27 13.27
C PHE A 38 -36.42 -5.09 12.18
N GLU A 39 -36.84 -5.35 10.95
CA GLU A 39 -35.96 -5.32 9.77
C GLU A 39 -35.20 -4.01 9.60
N VAL A 40 -35.88 -2.89 9.81
CA VAL A 40 -35.33 -1.58 9.48
C VAL A 40 -34.26 -1.07 10.47
N VAL A 41 -34.19 -1.67 11.65
CA VAL A 41 -33.19 -1.28 12.64
C VAL A 41 -31.91 -2.11 12.49
N PHE A 42 -32.08 -3.37 12.11
CA PHE A 42 -30.96 -4.26 11.89
C PHE A 42 -30.00 -3.72 10.84
N ILE A 43 -30.54 -3.08 9.81
CA ILE A 43 -29.71 -2.53 8.75
C ILE A 43 -28.87 -1.34 9.22
N VAL A 44 -29.46 -0.48 10.05
CA VAL A 44 -28.72 0.66 10.58
C VAL A 44 -27.68 0.19 11.58
N LEU A 45 -27.95 -0.96 12.21
CA LEU A 45 -26.99 -1.55 13.13
C LEU A 45 -25.80 -2.14 12.37
N VAL A 46 -26.07 -2.91 11.33
CA VAL A 46 -25.01 -3.52 10.54
C VAL A 46 -24.17 -2.48 9.81
N ALA A 47 -24.83 -1.65 9.01
CA ALA A 47 -24.14 -0.64 8.21
C ALA A 47 -23.49 0.42 9.10
N GLY A 48 -24.19 0.80 10.16
CA GLY A 48 -23.67 1.76 11.12
C GLY A 48 -22.43 1.23 11.81
N SER A 49 -22.49 0.00 12.30
CA SER A 49 -21.37 -0.58 13.03
C SER A 49 -20.20 -0.87 12.10
N LEU A 50 -20.51 -1.13 10.84
CA LEU A 50 -19.49 -1.36 9.83
C LEU A 50 -18.75 -0.06 9.52
N SER A 51 -19.51 1.03 9.40
CA SER A 51 -18.93 2.36 9.24
C SER A 51 -18.05 2.69 10.43
N LEU A 52 -18.58 2.45 11.62
CA LEU A 52 -17.89 2.64 12.88
C LEU A 52 -16.54 1.92 12.91
N VAL A 53 -16.59 0.63 12.66
CA VAL A 53 -15.39 -0.20 12.60
C VAL A 53 -14.41 0.34 11.55
N THR A 54 -14.95 0.81 10.43
CA THR A 54 -14.12 1.37 9.37
C THR A 54 -13.29 2.56 9.88
N ILE A 55 -13.98 3.58 10.38
CA ILE A 55 -13.29 4.77 10.85
C ILE A 55 -12.34 4.48 12.02
N ILE A 56 -12.78 3.67 12.98
CA ILE A 56 -11.91 3.27 14.08
C ILE A 56 -10.62 2.63 13.57
N GLY A 57 -10.77 1.67 12.65
CA GLY A 57 -9.63 1.00 12.05
C GLY A 57 -8.63 1.95 11.41
N ASN A 58 -9.11 2.78 10.50
CA ASN A 58 -8.21 3.70 9.80
C ASN A 58 -7.59 4.77 10.72
N ILE A 59 -8.33 5.15 11.76
CA ILE A 59 -7.82 6.06 12.78
C ILE A 59 -6.68 5.39 13.53
N LEU A 60 -6.83 4.10 13.83
CA LEU A 60 -5.77 3.32 14.45
C LEU A 60 -4.57 3.24 13.53
N VAL A 61 -4.79 3.18 12.22
CA VAL A 61 -3.68 3.18 11.28
C VAL A 61 -2.91 4.50 11.36
N MET A 62 -3.60 5.61 11.15
CA MET A 62 -2.99 6.94 11.21
C MET A 62 -2.24 7.18 12.52
N VAL A 63 -2.92 6.89 13.62
CA VAL A 63 -2.36 7.03 14.97
C VAL A 63 -1.12 6.17 15.16
N SER A 64 -1.22 4.88 14.83
CA SER A 64 -0.12 3.94 15.02
C SER A 64 1.08 4.26 14.13
N ILE A 65 0.84 4.99 13.04
CA ILE A 65 1.95 5.45 12.21
C ILE A 65 2.62 6.68 12.83
N LYS A 66 1.83 7.64 13.27
CA LYS A 66 2.39 8.86 13.86
C LYS A 66 3.06 8.62 15.22
N VAL A 67 2.61 7.59 15.93
CA VAL A 67 3.13 7.27 17.26
C VAL A 67 4.39 6.41 17.17
N ASN A 68 4.32 5.33 16.41
CA ASN A 68 5.48 4.46 16.21
C ASN A 68 6.41 5.04 15.14
N ARG A 69 7.66 5.31 15.53
CA ARG A 69 8.64 5.89 14.63
C ARG A 69 9.30 4.85 13.74
N HIS A 70 9.22 3.58 14.14
CA HIS A 70 9.85 2.50 13.38
C HIS A 70 9.13 2.21 12.06
N LEU A 71 7.80 2.23 12.10
CA LEU A 71 6.99 1.96 10.93
C LEU A 71 6.76 3.21 10.07
N GLN A 72 7.49 4.28 10.38
CA GLN A 72 7.38 5.52 9.62
C GLN A 72 8.29 5.53 8.40
N THR A 73 8.22 4.47 7.61
CA THR A 73 8.98 4.41 6.36
C THR A 73 8.18 5.04 5.22
N VAL A 74 8.86 5.32 4.12
CA VAL A 74 8.24 5.94 2.95
C VAL A 74 7.04 5.13 2.46
N ASN A 75 7.15 3.82 2.53
CA ASN A 75 6.07 2.92 2.12
C ASN A 75 4.78 3.14 2.92
N ASN A 76 4.94 3.61 4.16
CA ASN A 76 3.79 3.79 5.04
C ASN A 76 3.13 5.17 4.93
N TYR A 77 3.76 6.08 4.20
CA TYR A 77 3.15 7.37 3.90
C TYR A 77 1.97 7.16 2.97
N PHE A 78 2.16 6.24 2.03
CA PHE A 78 1.09 5.84 1.12
C PHE A 78 -0.03 5.20 1.92
N LEU A 79 0.34 4.46 2.95
CA LEU A 79 -0.63 3.85 3.85
C LEU A 79 -1.37 4.93 4.65
N PHE A 80 -0.67 6.03 4.91
CA PHE A 80 -1.27 7.14 5.65
C PHE A 80 -2.32 7.83 4.79
N SER A 81 -1.94 8.19 3.57
CA SER A 81 -2.88 8.78 2.62
C SER A 81 -4.07 7.87 2.42
N LEU A 82 -3.79 6.58 2.23
CA LEU A 82 -4.82 5.58 2.04
C LEU A 82 -5.80 5.56 3.22
N ALA A 83 -5.27 5.48 4.42
CA ALA A 83 -6.10 5.46 5.63
C ALA A 83 -6.90 6.74 5.78
N CYS A 84 -6.36 7.86 5.28
CA CYS A 84 -7.07 9.13 5.31
C CYS A 84 -8.29 9.10 4.40
N ALA A 85 -8.08 8.67 3.16
CA ALA A 85 -9.18 8.54 2.20
C ALA A 85 -10.24 7.58 2.75
N ASP A 86 -9.78 6.45 3.28
CA ASP A 86 -10.68 5.46 3.85
C ASP A 86 -11.38 5.97 5.12
N LEU A 87 -10.80 6.99 5.75
CA LEU A 87 -11.41 7.59 6.92
C LEU A 87 -12.56 8.51 6.49
N ILE A 88 -12.28 9.40 5.54
CA ILE A 88 -13.32 10.27 5.00
C ILE A 88 -14.47 9.41 4.46
N ILE A 89 -14.12 8.39 3.69
CA ILE A 89 -15.10 7.43 3.17
C ILE A 89 -15.86 6.76 4.30
N GLY A 90 -15.12 6.41 5.35
CA GLY A 90 -15.70 5.69 6.47
C GLY A 90 -16.73 6.49 7.24
N VAL A 91 -16.47 7.77 7.42
CA VAL A 91 -17.33 8.60 8.27
C VAL A 91 -18.43 9.33 7.50
N PHE A 92 -18.14 9.76 6.28
CA PHE A 92 -19.09 10.55 5.51
C PHE A 92 -19.91 9.72 4.52
N SER A 93 -19.23 9.13 3.55
CA SER A 93 -19.91 8.35 2.52
C SER A 93 -20.82 7.27 3.11
N MET A 94 -20.26 6.48 4.01
CA MET A 94 -20.97 5.33 4.57
C MET A 94 -22.24 5.72 5.31
N ASN A 95 -22.17 6.77 6.12
CA ASN A 95 -23.32 7.16 6.93
C ASN A 95 -24.39 7.90 6.14
N LEU A 96 -23.97 8.71 5.18
CA LEU A 96 -24.92 9.39 4.31
C LEU A 96 -25.65 8.40 3.40
N TYR A 97 -24.94 7.39 2.93
CA TYR A 97 -25.58 6.35 2.13
C TYR A 97 -26.45 5.45 3.01
N THR A 98 -26.05 5.29 4.27
CA THR A 98 -26.87 4.57 5.24
C THR A 98 -28.20 5.29 5.40
N LEU A 99 -28.13 6.61 5.54
CA LEU A 99 -29.32 7.44 5.65
C LEU A 99 -30.19 7.35 4.40
N TYR A 100 -29.57 7.58 3.24
CA TYR A 100 -30.22 7.49 1.94
C TYR A 100 -31.02 6.20 1.80
N THR A 101 -30.39 5.07 2.14
CA THR A 101 -31.02 3.77 1.99
C THR A 101 -32.12 3.53 3.03
N VAL A 102 -31.85 3.92 4.27
CA VAL A 102 -32.77 3.62 5.36
C VAL A 102 -34.04 4.48 5.33
N ILE A 103 -33.94 5.69 4.80
CA ILE A 103 -35.11 6.57 4.73
C ILE A 103 -36.03 6.17 3.59
N GLY A 104 -35.44 5.85 2.44
CA GLY A 104 -36.20 5.51 1.26
C GLY A 104 -35.90 6.49 0.15
N TYR A 105 -35.39 7.65 0.54
CA TYR A 105 -35.04 8.70 -0.42
C TYR A 105 -33.93 9.59 0.12
N TRP A 106 -33.50 10.56 -0.69
CA TRP A 106 -32.51 11.53 -0.27
C TRP A 106 -33.18 12.85 0.08
N PRO A 107 -33.34 13.12 1.37
CA PRO A 107 -34.13 14.26 1.88
C PRO A 107 -33.31 15.52 2.09
N LEU A 108 -32.01 15.47 1.84
CA LEU A 108 -31.14 16.57 2.22
C LEU A 108 -31.04 17.69 1.17
N GLY A 109 -31.55 17.47 -0.04
CA GLY A 109 -31.57 18.50 -1.06
C GLY A 109 -30.49 18.35 -2.12
N PRO A 110 -30.68 19.01 -3.27
CA PRO A 110 -29.80 18.90 -4.43
C PRO A 110 -28.38 19.36 -4.16
N VAL A 111 -28.23 20.38 -3.32
CA VAL A 111 -26.91 20.95 -3.02
C VAL A 111 -25.98 19.92 -2.36
N VAL A 112 -26.43 19.31 -1.28
CA VAL A 112 -25.60 18.36 -0.54
C VAL A 112 -25.68 16.96 -1.16
N CYS A 113 -26.57 16.78 -2.13
CA CYS A 113 -26.56 15.57 -2.94
C CYS A 113 -25.38 15.64 -3.90
N ASP A 114 -25.32 16.74 -4.65
CA ASP A 114 -24.21 16.99 -5.56
C ASP A 114 -22.90 16.99 -4.79
N LEU A 115 -22.91 17.66 -3.64
CA LEU A 115 -21.74 17.68 -2.77
C LEU A 115 -21.30 16.29 -2.32
N TRP A 116 -22.20 15.57 -1.63
CA TRP A 116 -21.86 14.24 -1.10
C TRP A 116 -21.36 13.31 -2.20
N LEU A 117 -22.01 13.34 -3.35
CA LEU A 117 -21.58 12.47 -4.45
C LEU A 117 -20.21 12.86 -4.99
N ALA A 118 -19.98 14.16 -5.17
CA ALA A 118 -18.68 14.63 -5.61
C ALA A 118 -17.58 14.18 -4.65
N LEU A 119 -17.79 14.46 -3.37
CA LEU A 119 -16.86 14.06 -2.31
C LEU A 119 -16.57 12.57 -2.35
N ASP A 120 -17.62 11.76 -2.19
CA ASP A 120 -17.53 10.31 -2.20
C ASP A 120 -16.76 9.76 -3.40
N TYR A 121 -17.18 10.14 -4.61
CA TYR A 121 -16.53 9.66 -5.82
C TYR A 121 -15.07 10.08 -5.89
N VAL A 122 -14.79 11.32 -5.51
CA VAL A 122 -13.42 11.83 -5.53
C VAL A 122 -12.50 11.08 -4.57
N VAL A 123 -12.92 10.92 -3.32
CA VAL A 123 -12.08 10.27 -2.32
C VAL A 123 -12.00 8.75 -2.47
N SER A 124 -13.00 8.14 -3.11
CA SER A 124 -12.95 6.72 -3.45
C SER A 124 -11.99 6.47 -4.62
N ASN A 125 -12.04 7.37 -5.60
CA ASN A 125 -11.08 7.34 -6.69
C ASN A 125 -9.68 7.59 -6.13
N ALA A 126 -9.61 8.42 -5.10
CA ALA A 126 -8.35 8.70 -4.41
C ALA A 126 -7.82 7.45 -3.73
N SER A 127 -8.72 6.70 -3.08
CA SER A 127 -8.34 5.40 -2.50
C SER A 127 -7.75 4.48 -3.55
N VAL A 128 -8.45 4.35 -4.68
CA VAL A 128 -7.97 3.47 -5.74
C VAL A 128 -6.61 3.90 -6.30
N MET A 129 -6.46 5.19 -6.59
CA MET A 129 -5.19 5.72 -7.07
C MET A 129 -4.08 5.50 -6.05
N ASN A 130 -4.44 5.56 -4.77
CA ASN A 130 -3.50 5.26 -3.69
C ASN A 130 -3.00 3.83 -3.77
N LEU A 131 -3.94 2.89 -3.85
CA LEU A 131 -3.59 1.47 -3.99
C LEU A 131 -2.70 1.26 -5.20
N LEU A 132 -3.05 1.93 -6.30
CA LEU A 132 -2.30 1.84 -7.54
C LEU A 132 -0.85 2.29 -7.34
N ILE A 133 -0.70 3.46 -6.73
CA ILE A 133 0.61 4.05 -6.52
C ILE A 133 1.43 3.21 -5.53
N ILE A 134 0.74 2.54 -4.61
CA ILE A 134 1.36 1.59 -3.71
C ILE A 134 1.91 0.42 -4.51
N SER A 135 1.08 -0.06 -5.45
CA SER A 135 1.47 -1.15 -6.33
C SER A 135 2.75 -0.80 -7.06
N PHE A 136 2.74 0.35 -7.75
CA PHE A 136 3.94 0.86 -8.42
C PHE A 136 5.15 0.85 -7.51
N ASP A 137 4.98 1.48 -6.34
CA ASP A 137 6.07 1.59 -5.37
C ASP A 137 6.66 0.23 -5.02
N ARG A 138 5.80 -0.73 -4.72
CA ARG A 138 6.24 -2.07 -4.37
C ARG A 138 6.96 -2.75 -5.54
N TYR A 139 6.46 -2.53 -6.75
CA TYR A 139 7.12 -3.05 -7.94
C TYR A 139 8.55 -2.54 -8.05
N PHE A 140 8.72 -1.22 -7.91
CA PHE A 140 10.05 -0.65 -8.01
C PHE A 140 10.97 -1.03 -6.84
N CYS A 141 10.37 -1.28 -5.67
CA CYS A 141 11.12 -1.75 -4.52
C CYS A 141 11.60 -3.17 -4.73
N VAL A 142 10.85 -3.93 -5.52
CA VAL A 142 11.25 -5.30 -5.83
C VAL A 142 12.30 -5.35 -6.94
N THR A 143 11.96 -4.81 -8.12
CA THR A 143 12.86 -4.87 -9.26
C THR A 143 14.20 -4.19 -9.00
N LYS A 144 14.15 -2.95 -8.52
CA LYS A 144 15.36 -2.25 -8.09
C LYS A 144 15.50 -2.41 -6.58
N PRO A 145 16.25 -3.44 -6.15
CA PRO A 145 16.25 -3.89 -4.76
C PRO A 145 17.07 -3.00 -3.82
N LEU A 146 18.10 -2.33 -4.35
CA LEU A 146 19.01 -1.55 -3.54
C LEU A 146 19.05 -0.08 -3.93
N THR A 147 18.79 0.20 -5.21
CA THR A 147 18.90 1.55 -5.75
C THR A 147 17.68 2.40 -5.45
N TYR A 148 16.51 1.90 -5.83
CA TYR A 148 15.26 2.63 -5.65
C TYR A 148 14.91 3.01 -4.20
N PRO A 149 15.03 2.07 -3.24
CA PRO A 149 14.65 2.44 -1.87
C PRO A 149 15.46 3.61 -1.30
N VAL A 150 16.70 3.77 -1.77
CA VAL A 150 17.54 4.88 -1.34
C VAL A 150 17.25 6.13 -2.16
N LYS A 151 17.12 5.96 -3.48
CA LYS A 151 16.85 7.08 -4.38
C LYS A 151 15.47 7.72 -4.15
N ARG A 152 14.50 6.92 -3.76
CA ARG A 152 13.15 7.41 -3.46
C ARG A 152 13.14 8.14 -2.12
N THR A 153 12.73 9.41 -2.15
CA THR A 153 12.68 10.24 -0.95
C THR A 153 11.25 10.54 -0.53
N THR A 154 11.08 11.11 0.66
CA THR A 154 9.76 11.45 1.19
C THR A 154 9.02 12.45 0.31
N LYS A 155 9.77 13.39 -0.26
CA LYS A 155 9.22 14.39 -1.16
C LYS A 155 8.50 13.73 -2.32
N MET A 156 9.11 12.68 -2.86
CA MET A 156 8.51 11.93 -3.96
C MET A 156 7.19 11.28 -3.54
N ALA A 157 7.16 10.76 -2.32
CA ALA A 157 5.95 10.15 -1.77
C ALA A 157 4.81 11.16 -1.68
N GLY A 158 5.10 12.31 -1.07
CA GLY A 158 4.13 13.38 -0.98
C GLY A 158 3.65 13.83 -2.36
N MET A 159 4.58 13.84 -3.31
CA MET A 159 4.25 14.20 -4.70
C MET A 159 3.28 13.22 -5.34
N MET A 160 3.53 11.94 -5.18
CA MET A 160 2.66 10.93 -5.78
C MET A 160 1.29 10.86 -5.11
N ILE A 161 1.27 11.10 -3.79
CA ILE A 161 0.01 11.19 -3.06
C ILE A 161 -0.83 12.35 -3.58
N ALA A 162 -0.22 13.54 -3.60
CA ALA A 162 -0.88 14.72 -4.12
C ALA A 162 -1.36 14.50 -5.55
N ALA A 163 -0.55 13.82 -6.35
CA ALA A 163 -0.91 13.51 -7.73
C ALA A 163 -2.15 12.63 -7.78
N ALA A 164 -2.22 11.65 -6.88
CA ALA A 164 -3.36 10.75 -6.81
C ALA A 164 -4.64 11.54 -6.50
N TRP A 165 -4.61 12.30 -5.42
CA TRP A 165 -5.79 13.08 -5.01
C TRP A 165 -6.23 14.08 -6.07
N VAL A 166 -5.26 14.79 -6.64
CA VAL A 166 -5.53 15.77 -7.67
C VAL A 166 -6.18 15.12 -8.89
N LEU A 167 -5.57 14.05 -9.40
CA LEU A 167 -6.12 13.35 -10.56
C LEU A 167 -7.53 12.83 -10.31
N SER A 168 -7.75 12.24 -9.13
CA SER A 168 -9.08 11.75 -8.76
C SER A 168 -10.09 12.90 -8.84
N PHE A 169 -9.75 13.98 -8.15
CA PHE A 169 -10.59 15.16 -8.10
C PHE A 169 -10.93 15.73 -9.48
N ILE A 170 -9.91 15.88 -10.32
CA ILE A 170 -10.09 16.39 -11.68
C ILE A 170 -11.00 15.48 -12.50
N LEU A 171 -10.77 14.17 -12.39
CA LEU A 171 -11.55 13.20 -13.16
C LEU A 171 -13.00 13.12 -12.73
N TRP A 172 -13.29 13.37 -11.46
CA TRP A 172 -14.66 13.16 -10.99
C TRP A 172 -15.46 14.41 -10.63
N ALA A 173 -14.87 15.31 -9.84
CA ALA A 173 -15.60 16.46 -9.34
C ALA A 173 -16.24 17.39 -10.39
N PRO A 174 -15.43 17.95 -11.32
CA PRO A 174 -16.04 18.92 -12.25
C PRO A 174 -17.16 18.31 -13.09
N ALA A 175 -17.00 17.05 -13.47
CA ALA A 175 -18.00 16.37 -14.29
C ALA A 175 -19.28 16.08 -13.50
N ILE A 176 -19.16 16.00 -12.18
CA ILE A 176 -20.29 15.64 -11.33
C ILE A 176 -21.22 16.81 -11.04
N LEU A 177 -20.65 17.92 -10.59
CA LEU A 177 -21.45 19.08 -10.22
C LEU A 177 -21.99 19.83 -11.44
N PHE A 178 -21.11 20.13 -12.39
CA PHE A 178 -21.46 20.99 -13.52
C PHE A 178 -22.11 20.24 -14.69
N TRP A 179 -22.58 19.02 -14.44
CA TRP A 179 -23.23 18.24 -15.49
C TRP A 179 -24.67 18.71 -15.70
N GLN A 180 -25.16 19.50 -14.76
CA GLN A 180 -26.50 20.05 -14.84
C GLN A 180 -26.48 21.47 -15.41
N PHE A 181 -25.36 22.15 -15.22
CA PHE A 181 -25.21 23.50 -15.76
C PHE A 181 -24.97 23.43 -17.27
N ILE A 182 -24.31 22.37 -17.71
CA ILE A 182 -24.01 22.19 -19.14
C ILE A 182 -25.22 21.65 -19.90
N VAL A 183 -25.92 20.69 -19.29
CA VAL A 183 -27.12 20.12 -19.89
C VAL A 183 -28.30 21.10 -19.82
N GLY A 184 -28.36 21.86 -18.75
CA GLY A 184 -29.39 22.89 -18.60
C GLY A 184 -30.56 22.44 -17.76
N VAL A 185 -30.54 21.17 -17.35
CA VAL A 185 -31.58 20.60 -16.49
C VAL A 185 -30.97 19.59 -15.52
N ARG A 186 -31.39 19.64 -14.25
CA ARG A 186 -31.03 18.60 -13.31
C ARG A 186 -31.88 17.36 -13.59
N THR A 187 -31.24 16.33 -14.15
CA THR A 187 -31.94 15.09 -14.50
C THR A 187 -32.26 14.27 -13.27
N VAL A 188 -31.56 14.56 -12.18
CA VAL A 188 -31.74 13.84 -10.91
C VAL A 188 -33.14 14.01 -10.35
N GLU A 189 -33.78 12.89 -10.02
CA GLU A 189 -35.12 12.92 -9.42
C GLU A 189 -35.10 13.65 -8.07
N ASP A 190 -36.27 14.10 -7.64
CA ASP A 190 -36.38 14.88 -6.42
C ASP A 190 -36.11 14.05 -5.17
N GLY A 191 -36.58 12.81 -5.17
CA GLY A 191 -36.36 11.91 -4.05
C GLY A 191 -34.98 11.31 -4.03
N GLU A 192 -34.56 10.73 -5.15
CA GLU A 192 -33.28 10.03 -5.25
C GLU A 192 -32.09 10.97 -5.44
N CYS A 193 -30.89 10.45 -5.19
CA CYS A 193 -29.66 11.19 -5.41
C CYS A 193 -28.61 10.31 -6.07
N TYR A 194 -28.45 10.48 -7.38
CA TYR A 194 -27.47 9.73 -8.16
C TYR A 194 -26.67 10.66 -9.05
N ILE A 195 -25.61 10.15 -9.67
CA ILE A 195 -24.88 10.93 -10.66
C ILE A 195 -25.70 10.95 -11.93
N GLN A 196 -25.93 12.15 -12.48
CA GLN A 196 -26.80 12.26 -13.64
C GLN A 196 -26.05 12.11 -14.96
N PHE A 197 -24.75 11.81 -14.90
CA PHE A 197 -24.05 11.45 -16.13
C PHE A 197 -24.22 9.97 -16.45
N PHE A 198 -24.82 9.23 -15.53
CA PHE A 198 -25.09 7.80 -15.69
C PHE A 198 -26.04 7.53 -16.85
N SER A 199 -26.94 8.48 -17.10
CA SER A 199 -27.87 8.39 -18.21
C SER A 199 -27.11 8.40 -19.53
N ASN A 200 -26.04 9.18 -19.57
CA ASN A 200 -25.15 9.24 -20.73
C ASN A 200 -24.00 8.25 -20.64
N ALA A 201 -24.09 7.16 -21.41
CA ALA A 201 -23.11 6.09 -21.36
C ALA A 201 -21.70 6.52 -21.77
N ALA A 202 -21.64 7.41 -22.76
CA ALA A 202 -20.37 7.85 -23.37
C ALA A 202 -19.35 8.35 -22.35
N VAL A 203 -19.81 9.09 -21.35
CA VAL A 203 -18.92 9.61 -20.31
C VAL A 203 -18.75 8.60 -19.18
N THR A 204 -19.84 7.92 -18.84
CA THR A 204 -19.84 6.88 -17.81
C THR A 204 -18.73 5.85 -18.00
N PHE A 205 -18.64 5.29 -19.21
CA PHE A 205 -17.61 4.30 -19.51
C PHE A 205 -16.21 4.87 -19.31
N GLY A 206 -15.94 6.00 -19.96
CA GLY A 206 -14.64 6.63 -19.93
C GLY A 206 -14.16 7.00 -18.54
N THR A 207 -15.08 7.44 -17.69
CA THR A 207 -14.74 7.76 -16.30
C THR A 207 -14.54 6.50 -15.48
N ALA A 208 -15.43 5.53 -15.66
CA ALA A 208 -15.35 4.28 -14.90
C ALA A 208 -14.06 3.53 -15.14
N ILE A 209 -13.64 3.42 -16.41
CA ILE A 209 -12.43 2.66 -16.75
C ILE A 209 -11.16 3.31 -16.22
N ALA A 210 -11.12 4.64 -16.21
CA ALA A 210 -9.94 5.35 -15.72
C ALA A 210 -9.91 5.33 -14.19
N ALA A 211 -10.96 4.77 -13.60
CA ALA A 211 -11.09 4.72 -12.15
C ALA A 211 -10.88 3.31 -11.64
N PHE A 212 -11.33 2.33 -12.41
CA PHE A 212 -11.26 0.95 -11.97
C PHE A 212 -10.57 0.03 -12.98
N TYR A 213 -11.18 -0.12 -14.14
CA TYR A 213 -10.70 -1.03 -15.18
C TYR A 213 -9.23 -0.83 -15.54
N LEU A 214 -8.90 0.36 -16.02
CA LEU A 214 -7.51 0.69 -16.29
C LEU A 214 -6.61 0.47 -15.06
N PRO A 215 -6.98 1.08 -13.90
CA PRO A 215 -6.13 0.88 -12.72
C PRO A 215 -6.03 -0.57 -12.24
N VAL A 216 -7.11 -1.35 -12.35
CA VAL A 216 -7.03 -2.75 -11.92
C VAL A 216 -6.14 -3.55 -12.87
N ILE A 217 -6.20 -3.21 -14.17
CA ILE A 217 -5.33 -3.82 -15.16
C ILE A 217 -3.87 -3.55 -14.82
N ILE A 218 -3.56 -2.29 -14.55
CA ILE A 218 -2.20 -1.89 -14.19
C ILE A 218 -1.71 -2.59 -12.92
N MET A 219 -2.49 -2.48 -11.85
CA MET A 219 -2.14 -3.09 -10.57
C MET A 219 -1.88 -4.58 -10.71
N THR A 220 -2.83 -5.29 -11.32
CA THR A 220 -2.70 -6.73 -11.53
C THR A 220 -1.48 -7.11 -12.38
N VAL A 221 -1.22 -6.34 -13.45
CA VAL A 221 -0.09 -6.69 -14.31
C VAL A 221 1.27 -6.46 -13.64
N LEU A 222 1.44 -5.32 -12.96
CA LEU A 222 2.73 -5.07 -12.32
C LEU A 222 2.91 -5.87 -11.02
N TYR A 223 1.80 -6.30 -10.42
CA TYR A 223 1.87 -7.26 -9.33
C TYR A 223 2.29 -8.62 -9.87
N TRP A 224 1.84 -8.93 -11.10
CA TRP A 224 2.28 -10.15 -11.76
C TRP A 224 3.78 -10.06 -11.97
N HIS A 225 4.25 -8.92 -12.44
CA HIS A 225 5.69 -8.69 -12.59
C HIS A 225 6.41 -8.90 -11.27
N ILE A 226 5.84 -8.37 -10.19
CA ILE A 226 6.41 -8.56 -8.86
C ILE A 226 6.57 -10.04 -8.54
N SER A 227 5.45 -10.77 -8.55
CA SER A 227 5.44 -12.17 -8.15
C SER A 227 6.38 -13.01 -9.01
N ARG A 228 6.35 -12.80 -10.32
CA ARG A 228 7.14 -13.63 -11.23
C ARG A 228 8.63 -13.30 -11.21
N ALA A 229 8.97 -12.04 -10.96
CA ALA A 229 10.37 -11.61 -11.04
C ALA A 229 11.10 -11.75 -9.71
N SER A 230 10.35 -11.67 -8.61
CA SER A 230 10.97 -11.60 -7.30
C SER A 230 11.53 -12.92 -6.79
N LYS A 231 10.75 -13.98 -6.96
CA LYS A 231 10.90 -15.17 -6.12
C LYS A 231 11.28 -16.46 -6.85
N SER A 232 11.67 -16.35 -8.11
CA SER A 232 11.99 -17.53 -8.94
C SER A 232 10.83 -18.52 -9.00
N PRO A 254 7.67 -27.46 -6.40
CA PRO A 254 6.93 -26.28 -5.96
C PRO A 254 7.78 -25.35 -5.09
N PRO A 255 7.79 -24.05 -5.40
CA PRO A 255 8.55 -23.06 -4.63
C PRO A 255 8.21 -22.77 -3.17
N PRO A 256 9.15 -23.04 -2.25
CA PRO A 256 8.95 -23.26 -0.81
C PRO A 256 8.32 -22.09 -0.04
N SER A 257 8.92 -20.91 -0.10
CA SER A 257 8.44 -19.79 0.71
C SER A 257 8.23 -18.49 -0.06
N ARG A 258 9.23 -18.13 -0.84
CA ARG A 258 9.22 -16.87 -1.58
C ARG A 258 8.00 -16.73 -2.50
N GLU A 259 7.92 -17.57 -3.52
CA GLU A 259 6.77 -17.54 -4.42
C GLU A 259 5.48 -17.85 -3.68
N LYS A 260 5.54 -18.75 -2.70
CA LYS A 260 4.36 -19.12 -1.93
C LYS A 260 3.74 -17.93 -1.20
N LYS A 261 4.52 -17.30 -0.31
CA LYS A 261 4.04 -16.18 0.47
C LYS A 261 3.72 -14.96 -0.40
N VAL A 262 4.58 -14.69 -1.37
CA VAL A 262 4.35 -13.57 -2.28
C VAL A 262 3.02 -13.74 -3.03
N THR A 263 2.87 -14.87 -3.71
CA THR A 263 1.63 -15.18 -4.42
C THR A 263 0.42 -15.11 -3.49
N ARG A 264 0.58 -15.61 -2.26
CA ARG A 264 -0.52 -15.56 -1.29
C ARG A 264 -0.96 -14.13 -1.01
N THR A 265 -0.03 -13.31 -0.52
CA THR A 265 -0.35 -11.93 -0.16
C THR A 265 -0.88 -11.11 -1.34
N ILE A 266 -0.18 -11.21 -2.48
CA ILE A 266 -0.61 -10.53 -3.70
C ILE A 266 -2.03 -10.94 -4.07
N LEU A 267 -2.29 -12.25 -3.97
CA LEU A 267 -3.62 -12.77 -4.24
C LEU A 267 -4.66 -12.14 -3.32
N ALA A 268 -4.36 -12.08 -2.02
CA ALA A 268 -5.30 -11.48 -1.07
C ALA A 268 -5.62 -10.02 -1.38
N ILE A 269 -4.57 -9.24 -1.68
CA ILE A 269 -4.74 -7.84 -2.07
C ILE A 269 -5.64 -7.68 -3.30
N LEU A 270 -5.27 -8.37 -4.37
CA LEU A 270 -6.01 -8.28 -5.63
C LEU A 270 -7.46 -8.75 -5.49
N LEU A 271 -7.65 -9.84 -4.74
CA LEU A 271 -8.97 -10.36 -4.44
C LEU A 271 -9.82 -9.35 -3.69
N ALA A 272 -9.24 -8.68 -2.71
CA ALA A 272 -9.95 -7.62 -1.99
C ALA A 272 -10.41 -6.53 -2.95
N PHE A 273 -9.44 -5.91 -3.64
CA PHE A 273 -9.75 -4.81 -4.57
C PHE A 273 -10.85 -5.18 -5.55
N ILE A 274 -10.75 -6.38 -6.11
CA ILE A 274 -11.72 -6.84 -7.11
C ILE A 274 -13.10 -7.14 -6.50
N ILE A 275 -13.13 -8.01 -5.49
CA ILE A 275 -14.40 -8.38 -4.86
C ILE A 275 -15.17 -7.18 -4.34
N THR A 276 -14.47 -6.10 -4.02
CA THR A 276 -15.15 -4.89 -3.53
C THR A 276 -15.52 -3.90 -4.63
N TRP A 277 -14.56 -3.57 -5.49
CA TRP A 277 -14.77 -2.51 -6.48
C TRP A 277 -15.41 -2.94 -7.79
N ALA A 278 -15.31 -4.23 -8.11
CA ALA A 278 -15.84 -4.73 -9.38
C ALA A 278 -17.37 -4.76 -9.51
N PRO A 279 -18.08 -5.35 -8.53
CA PRO A 279 -19.54 -5.46 -8.67
C PRO A 279 -20.26 -4.15 -9.04
N TYR A 280 -19.94 -3.05 -8.36
CA TYR A 280 -20.54 -1.77 -8.73
C TYR A 280 -20.06 -1.29 -10.10
N ASN A 281 -18.78 -1.46 -10.36
CA ASN A 281 -18.20 -0.97 -11.61
C ASN A 281 -18.70 -1.72 -12.84
N VAL A 282 -19.22 -2.92 -12.63
CA VAL A 282 -19.81 -3.68 -13.72
C VAL A 282 -21.32 -3.44 -13.79
N MET A 283 -21.91 -3.09 -12.65
CA MET A 283 -23.33 -2.76 -12.58
C MET A 283 -23.59 -1.36 -13.13
N VAL A 284 -22.61 -0.47 -12.94
CA VAL A 284 -22.65 0.85 -13.54
C VAL A 284 -22.70 0.73 -15.06
N LEU A 285 -22.02 -0.29 -15.58
CA LEU A 285 -22.03 -0.56 -17.01
C LEU A 285 -23.34 -1.22 -17.45
N ILE A 286 -23.89 -2.07 -16.58
CA ILE A 286 -25.18 -2.70 -16.86
C ILE A 286 -26.29 -1.67 -17.00
N ASN A 287 -26.39 -0.80 -16.00
CA ASN A 287 -27.46 0.19 -15.94
C ASN A 287 -27.37 1.27 -17.00
N THR A 288 -26.21 1.40 -17.64
CA THR A 288 -26.01 2.45 -18.64
C THR A 288 -26.69 2.12 -19.97
N PHE A 289 -27.09 0.85 -20.12
CA PHE A 289 -27.80 0.41 -21.31
C PHE A 289 -29.31 0.39 -21.06
N CYS A 290 -29.70 -0.08 -19.88
CA CYS A 290 -31.11 -0.20 -19.53
C CYS A 290 -31.38 0.32 -18.12
N ALA A 291 -32.38 1.20 -18.01
CA ALA A 291 -32.76 1.77 -16.72
C ALA A 291 -33.42 0.80 -15.72
N PRO A 292 -34.41 -0.01 -16.16
CA PRO A 292 -35.07 -0.86 -15.17
C PRO A 292 -34.37 -2.20 -14.96
N CYS A 293 -33.16 -2.33 -15.50
CA CYS A 293 -32.43 -3.58 -15.43
C CYS A 293 -32.06 -4.04 -14.02
N ILE A 294 -31.60 -3.11 -13.19
CA ILE A 294 -31.05 -3.46 -11.89
C ILE A 294 -31.96 -3.08 -10.72
N PRO A 295 -32.24 -4.05 -9.83
CA PRO A 295 -33.02 -3.80 -8.62
C PRO A 295 -32.25 -2.95 -7.62
N ASN A 296 -32.94 -2.03 -6.96
CA ASN A 296 -32.31 -1.08 -6.03
C ASN A 296 -31.59 -1.76 -4.88
N THR A 297 -32.03 -2.96 -4.52
CA THR A 297 -31.39 -3.73 -3.46
C THR A 297 -29.98 -4.13 -3.88
N VAL A 298 -29.90 -4.78 -5.04
CA VAL A 298 -28.63 -5.20 -5.61
C VAL A 298 -27.70 -4.01 -5.82
N TRP A 299 -28.26 -2.91 -6.31
CA TRP A 299 -27.51 -1.68 -6.49
C TRP A 299 -26.89 -1.20 -5.18
N THR A 300 -27.73 -1.12 -4.16
CA THR A 300 -27.29 -0.76 -2.81
C THR A 300 -26.13 -1.64 -2.37
N ILE A 301 -26.25 -2.95 -2.60
CA ILE A 301 -25.20 -3.88 -2.21
C ILE A 301 -23.89 -3.66 -2.98
N GLY A 302 -24.01 -3.22 -4.23
CA GLY A 302 -22.84 -2.86 -5.01
C GLY A 302 -22.13 -1.68 -4.38
N TYR A 303 -22.91 -0.66 -4.04
CA TYR A 303 -22.41 0.53 -3.35
C TYR A 303 -21.67 0.15 -2.07
N TRP A 304 -22.34 -0.57 -1.19
CA TRP A 304 -21.74 -1.00 0.07
C TRP A 304 -20.48 -1.85 -0.09
N LEU A 305 -20.52 -2.77 -1.05
CA LEU A 305 -19.34 -3.57 -1.38
C LEU A 305 -18.19 -2.66 -1.75
N CYS A 306 -18.50 -1.58 -2.47
CA CYS A 306 -17.47 -0.59 -2.76
C CYS A 306 -16.95 0.07 -1.48
N TYR A 307 -17.87 0.33 -0.54
CA TYR A 307 -17.47 0.99 0.70
C TYR A 307 -16.54 0.13 1.56
N ILE A 308 -16.81 -1.16 1.64
CA ILE A 308 -16.08 -2.02 2.56
C ILE A 308 -14.62 -2.28 2.18
N ASN A 309 -14.23 -1.85 0.98
CA ASN A 309 -12.83 -1.87 0.61
C ASN A 309 -12.05 -0.93 1.54
N SER A 310 -12.65 0.23 1.79
CA SER A 310 -12.07 1.23 2.68
C SER A 310 -12.10 0.77 4.13
N THR A 311 -12.80 -0.33 4.37
CA THR A 311 -12.82 -0.95 5.69
C THR A 311 -11.70 -1.99 5.77
N ILE A 312 -11.48 -2.70 4.67
CA ILE A 312 -10.55 -3.81 4.69
C ILE A 312 -9.11 -3.42 4.36
N ASN A 313 -8.91 -2.18 3.91
CA ASN A 313 -7.57 -1.70 3.60
C ASN A 313 -6.51 -1.86 4.72
N PRO A 314 -6.87 -1.52 5.98
CA PRO A 314 -5.91 -1.73 7.07
C PRO A 314 -5.61 -3.20 7.37
N ALA A 315 -6.19 -4.12 6.61
CA ALA A 315 -5.94 -5.54 6.82
C ALA A 315 -5.07 -6.13 5.72
N CYS A 316 -5.06 -5.47 4.57
CA CYS A 316 -4.33 -5.98 3.42
C CYS A 316 -2.97 -5.33 3.32
N TYR A 317 -2.85 -4.16 3.92
CA TYR A 317 -1.65 -3.34 3.78
C TYR A 317 -0.93 -3.13 5.10
N ALA A 318 -1.68 -2.78 6.15
CA ALA A 318 -1.09 -2.50 7.46
C ALA A 318 -0.93 -3.76 8.30
N LEU A 319 -2.04 -4.32 8.74
CA LEU A 319 -2.05 -5.49 9.63
C LEU A 319 -1.45 -6.73 8.98
N CYS A 320 -1.36 -6.76 7.65
CA CYS A 320 -0.74 -7.87 6.95
C CYS A 320 0.75 -7.91 7.31
N ASN A 321 1.28 -6.74 7.68
CA ASN A 321 2.61 -6.66 8.29
C ASN A 321 2.52 -7.08 9.75
N ALA A 322 3.59 -7.70 10.25
CA ALA A 322 3.58 -8.26 11.60
C ALA A 322 3.51 -7.21 12.70
N THR A 323 4.31 -6.15 12.57
CA THR A 323 4.45 -5.15 13.63
C THR A 323 3.19 -4.30 13.84
N PHE A 324 2.58 -3.89 12.74
CA PHE A 324 1.43 -3.00 12.78
C PHE A 324 0.35 -3.42 13.78
N LYS A 325 0.01 -4.71 13.78
CA LYS A 325 -1.03 -5.23 14.66
C LYS A 325 -0.62 -5.10 16.13
N LYS A 326 0.64 -5.43 16.40
CA LYS A 326 1.20 -5.28 17.75
C LYS A 326 1.10 -3.83 18.21
N THR A 327 1.38 -2.91 17.30
CA THR A 327 1.25 -1.48 17.61
C THR A 327 -0.21 -1.11 17.85
N PHE A 328 -1.11 -1.78 17.13
CA PHE A 328 -2.54 -1.54 17.23
C PHE A 328 -3.09 -1.91 18.61
N LYS A 329 -2.73 -3.09 19.09
CA LYS A 329 -3.36 -3.64 20.29
C LYS A 329 -3.21 -2.82 21.59
N HIS A 330 -2.19 -1.96 21.65
CA HIS A 330 -2.00 -1.13 22.84
C HIS A 330 -3.06 -0.04 22.97
N LEU A 331 -3.67 0.32 21.84
CA LEU A 331 -4.71 1.34 21.83
C LEU A 331 -5.97 0.85 22.53
N LEU A 332 -6.10 -0.47 22.65
CA LEU A 332 -7.19 -1.07 23.41
C LEU A 332 -7.03 -0.74 24.89
N MET A 333 -5.96 -1.25 25.49
CA MET A 333 -5.66 -0.98 26.89
C MET A 333 -4.22 -1.37 27.24
N GLN B 5 11.55 -7.10 19.63
CA GLN B 5 11.76 -6.91 18.19
C GLN B 5 13.25 -6.99 17.86
N VAL B 6 13.61 -6.72 16.61
CA VAL B 6 14.97 -6.97 16.17
C VAL B 6 15.88 -5.74 16.03
N GLN B 7 17.13 -5.91 16.47
CA GLN B 7 18.19 -4.91 16.33
C GLN B 7 19.45 -5.66 15.88
N LEU B 8 20.23 -5.08 14.96
CA LEU B 8 21.30 -5.83 14.28
C LEU B 8 22.70 -5.29 14.54
N GLN B 9 23.60 -6.15 15.02
CA GLN B 9 24.96 -5.72 15.37
C GLN B 9 26.02 -6.22 14.37
N GLU B 10 27.02 -5.38 14.10
CA GLU B 10 28.01 -5.69 13.07
C GLU B 10 29.40 -5.98 13.63
N SER B 11 30.24 -6.62 12.82
CA SER B 11 31.61 -6.97 13.21
C SER B 11 32.59 -6.87 12.04
N GLY B 12 33.84 -7.25 12.29
CA GLY B 12 34.84 -7.32 11.24
C GLY B 12 35.41 -5.98 10.82
N GLY B 13 34.99 -4.92 11.50
CA GLY B 13 35.45 -3.58 11.18
C GLY B 13 36.88 -3.34 11.61
N GLY B 14 37.77 -3.18 10.62
CA GLY B 14 39.18 -2.93 10.90
C GLY B 14 39.91 -2.28 9.75
N LEU B 15 41.23 -2.13 9.90
CA LEU B 15 42.06 -1.57 8.84
C LEU B 15 42.64 -2.67 7.95
N VAL B 16 42.79 -2.36 6.67
CA VAL B 16 43.30 -3.31 5.70
C VAL B 16 44.03 -2.58 4.57
N GLN B 17 45.11 -3.17 4.07
CA GLN B 17 45.83 -2.61 2.94
C GLN B 17 45.19 -3.05 1.63
N ALA B 18 45.39 -2.27 0.58
CA ALA B 18 44.80 -2.58 -0.73
C ALA B 18 45.17 -3.98 -1.19
N GLY B 19 44.17 -4.76 -1.57
CA GLY B 19 44.37 -6.13 -2.00
C GLY B 19 43.91 -7.13 -0.97
N ASP B 20 43.87 -6.70 0.28
CA ASP B 20 43.47 -7.58 1.38
C ASP B 20 41.95 -7.79 1.41
N SER B 21 41.49 -8.55 2.40
CA SER B 21 40.09 -8.95 2.47
C SER B 21 39.54 -8.86 3.88
N LEU B 22 38.23 -8.71 4.00
CA LEU B 22 37.58 -8.67 5.32
C LEU B 22 36.31 -9.49 5.36
N ARG B 23 35.84 -9.77 6.57
CA ARG B 23 34.57 -10.46 6.76
C ARG B 23 33.71 -9.69 7.76
N LEU B 24 32.74 -8.96 7.24
CA LEU B 24 31.78 -8.26 8.08
C LEU B 24 30.63 -9.22 8.40
N SER B 25 30.28 -9.31 9.68
CA SER B 25 29.23 -10.22 10.11
C SER B 25 28.13 -9.48 10.84
N CYS B 26 26.89 -9.72 10.44
CA CYS B 26 25.76 -9.03 11.02
C CYS B 26 24.86 -10.03 11.76
N ALA B 27 24.67 -9.80 13.05
CA ALA B 27 23.87 -10.67 13.89
C ALA B 27 22.56 -10.00 14.25
N ALA B 28 21.45 -10.67 13.95
CA ALA B 28 20.12 -10.20 14.29
C ALA B 28 19.60 -10.97 15.49
N SER B 29 18.68 -10.37 16.25
CA SER B 29 18.18 -10.97 17.48
C SER B 29 16.81 -10.43 17.87
N GLY B 30 16.14 -11.13 18.78
CA GLY B 30 14.91 -10.63 19.34
C GLY B 30 13.71 -10.88 18.45
N PHE B 31 13.47 -12.15 18.14
CA PHE B 31 12.33 -12.57 17.30
C PHE B 31 11.15 -13.16 18.10
N ASP B 32 9.96 -12.65 17.81
CA ASP B 32 8.75 -13.11 18.47
C ASP B 32 7.58 -13.04 17.51
N PHE B 33 7.02 -14.19 17.14
CA PHE B 33 5.95 -14.28 16.14
C PHE B 33 6.40 -13.87 14.76
N ASP B 34 7.67 -13.47 14.65
CA ASP B 34 8.30 -13.24 13.37
C ASP B 34 9.58 -14.09 13.28
N ASN B 35 9.99 -14.44 12.08
CA ASN B 35 11.16 -15.29 11.91
C ASN B 35 12.27 -14.57 11.16
N PHE B 36 13.51 -14.88 11.50
CA PHE B 36 14.68 -14.39 10.77
C PHE B 36 14.55 -14.80 9.30
N ASP B 37 13.86 -15.90 9.08
CA ASP B 37 13.53 -16.39 7.74
C ASP B 37 12.68 -15.37 6.98
N ASP B 38 11.85 -14.61 7.71
CA ASP B 38 10.95 -13.65 7.10
C ASP B 38 11.59 -12.30 6.79
N TYR B 39 12.89 -12.19 7.05
CA TYR B 39 13.61 -10.95 6.77
C TYR B 39 14.67 -11.15 5.71
N ALA B 40 14.70 -10.26 4.73
CA ALA B 40 15.77 -10.21 3.74
C ALA B 40 16.77 -9.14 4.15
N ILE B 41 18.05 -9.51 4.18
CA ILE B 41 19.07 -8.64 4.78
C ILE B 41 20.10 -8.13 3.78
N GLY B 42 20.45 -6.84 3.90
CA GLY B 42 21.45 -6.25 3.03
C GLY B 42 22.51 -5.45 3.74
N TRP B 43 23.58 -5.13 3.03
CA TRP B 43 24.69 -4.33 3.55
C TRP B 43 24.79 -2.97 2.86
N PHE B 44 24.72 -1.91 3.64
CA PHE B 44 24.82 -0.55 3.09
C PHE B 44 26.09 0.14 3.57
N ARG B 45 26.86 0.72 2.67
CA ARG B 45 28.06 1.46 3.08
C ARG B 45 27.85 2.96 2.93
N GLN B 46 28.35 3.73 3.89
CA GLN B 46 28.26 5.19 3.79
C GLN B 46 29.62 5.87 3.90
N ALA B 47 30.02 6.49 2.80
CA ALA B 47 31.22 7.31 2.72
C ALA B 47 30.91 8.68 3.32
N PRO B 48 31.94 9.45 3.70
CA PRO B 48 31.74 10.79 4.24
C PRO B 48 30.92 11.70 3.32
N GLY B 49 29.67 11.97 3.73
CA GLY B 49 28.81 12.91 3.02
C GLY B 49 28.15 12.37 1.77
N GLN B 50 28.52 11.15 1.38
CA GLN B 50 28.02 10.54 0.16
C GLN B 50 26.74 9.73 0.43
N GLU B 51 25.99 9.47 -0.65
CA GLU B 51 24.76 8.69 -0.60
C GLU B 51 24.92 7.35 0.12
N ARG B 52 23.92 6.98 0.91
CA ARG B 52 23.92 5.69 1.58
C ARG B 52 23.62 4.60 0.56
N GLU B 53 24.64 4.21 -0.21
CA GLU B 53 24.47 3.24 -1.28
C GLU B 53 24.49 1.80 -0.77
N GLY B 54 23.71 0.93 -1.41
CA GLY B 54 23.62 -0.46 -1.02
C GLY B 54 24.61 -1.34 -1.77
N VAL B 55 25.41 -2.09 -1.02
CA VAL B 55 26.45 -2.94 -1.60
C VAL B 55 25.88 -4.25 -2.13
N SER B 56 25.25 -5.00 -1.24
CA SER B 56 24.73 -6.32 -1.59
C SER B 56 23.53 -6.66 -0.75
N CYS B 57 22.76 -7.66 -1.19
CA CYS B 57 21.58 -8.07 -0.45
C CYS B 57 21.27 -9.55 -0.66
N ILE B 58 20.80 -10.18 0.41
CA ILE B 58 20.56 -11.61 0.42
C ILE B 58 19.21 -11.96 1.04
N ASP B 59 18.57 -12.99 0.50
CA ASP B 59 17.36 -13.53 1.09
C ASP B 59 17.68 -14.93 1.59
N PRO B 60 17.67 -15.10 2.92
CA PRO B 60 18.04 -16.38 3.54
C PRO B 60 17.03 -17.49 3.27
N SER B 61 15.75 -17.14 3.18
CA SER B 61 14.68 -18.11 2.93
C SER B 61 14.90 -18.84 1.61
N ASP B 62 15.20 -18.07 0.57
CA ASP B 62 15.37 -18.63 -0.78
C ASP B 62 16.84 -18.86 -1.11
N GLY B 63 17.73 -18.14 -0.45
CA GLY B 63 19.16 -18.23 -0.73
C GLY B 63 19.54 -17.39 -1.94
N SER B 64 18.61 -16.53 -2.36
CA SER B 64 18.79 -15.72 -3.57
C SER B 64 19.76 -14.56 -3.32
N THR B 65 20.81 -14.50 -4.14
CA THR B 65 21.82 -13.46 -4.00
C THR B 65 21.57 -12.32 -5.00
N ILE B 66 21.58 -11.08 -4.50
CA ILE B 66 21.45 -9.93 -5.39
C ILE B 66 22.48 -8.83 -5.06
N TYR B 67 23.44 -8.66 -5.95
CA TYR B 67 24.56 -7.73 -5.73
C TYR B 67 24.38 -6.42 -6.50
N ALA B 68 25.16 -5.41 -6.13
CA ALA B 68 25.15 -4.14 -6.85
C ALA B 68 26.21 -4.13 -7.95
N ASP B 69 25.99 -3.29 -8.96
CA ASP B 69 26.85 -3.27 -10.14
C ASP B 69 28.27 -2.81 -9.83
N SER B 70 28.47 -2.26 -8.64
CA SER B 70 29.78 -1.76 -8.23
C SER B 70 30.61 -2.82 -7.52
N ALA B 71 29.95 -3.70 -6.77
CA ALA B 71 30.68 -4.68 -5.96
C ALA B 71 30.63 -6.12 -6.47
N LYS B 72 30.16 -6.32 -7.70
CA LYS B 72 30.08 -7.65 -8.27
C LYS B 72 31.47 -8.22 -8.60
N GLY B 73 31.74 -9.44 -8.14
CA GLY B 73 32.98 -10.12 -8.45
C GLY B 73 33.97 -10.17 -7.30
N ARG B 74 33.80 -9.26 -6.35
CA ARG B 74 34.70 -9.20 -5.21
C ARG B 74 33.99 -9.60 -3.92
N PHE B 75 32.71 -9.27 -3.84
CA PHE B 75 31.94 -9.46 -2.61
C PHE B 75 31.09 -10.73 -2.66
N THR B 76 31.09 -11.47 -1.57
CA THR B 76 30.29 -12.69 -1.46
C THR B 76 29.50 -12.72 -0.15
N ILE B 77 28.20 -13.06 -0.26
CA ILE B 77 27.32 -13.03 0.91
C ILE B 77 26.58 -14.35 1.13
N SER B 78 26.46 -14.73 2.40
CA SER B 78 25.69 -15.91 2.79
C SER B 78 25.23 -15.75 4.23
N SER B 79 24.77 -16.83 4.86
CA SER B 79 24.27 -16.75 6.22
C SER B 79 24.15 -18.10 6.93
N ASP B 80 23.72 -18.07 8.18
CA ASP B 80 23.43 -19.27 8.94
C ASP B 80 21.99 -19.24 9.42
N ASN B 81 21.09 -19.84 8.64
CA ASN B 81 19.65 -19.80 8.90
C ASN B 81 19.23 -20.20 10.31
N ALA B 82 19.94 -21.17 10.88
CA ALA B 82 19.62 -21.64 12.22
C ALA B 82 20.11 -20.64 13.28
N GLU B 83 21.24 -20.02 13.02
CA GLU B 83 21.84 -19.08 13.97
C GLU B 83 21.30 -17.66 13.84
N ASN B 84 20.55 -17.42 12.77
CA ASN B 84 20.02 -16.09 12.45
C ASN B 84 21.12 -15.01 12.38
N THR B 85 22.20 -15.32 11.68
CA THR B 85 23.32 -14.39 11.53
C THR B 85 23.89 -14.47 10.12
N VAL B 86 24.05 -13.31 9.47
CA VAL B 86 24.54 -13.26 8.10
C VAL B 86 26.02 -12.88 8.01
N TYR B 87 26.67 -13.38 6.96
CA TYR B 87 28.09 -13.13 6.72
C TYR B 87 28.35 -12.55 5.34
N LEU B 88 29.00 -11.39 5.30
CA LEU B 88 29.46 -10.78 4.06
C LEU B 88 30.98 -10.68 4.03
N GLN B 89 31.59 -11.48 3.16
CA GLN B 89 33.04 -11.41 2.99
C GLN B 89 33.39 -10.67 1.71
N MET B 90 34.24 -9.64 1.83
CA MET B 90 34.68 -8.87 0.67
C MET B 90 36.17 -9.12 0.43
N ASN B 91 36.54 -9.30 -0.84
CA ASN B 91 37.90 -9.65 -1.23
C ASN B 91 38.48 -8.65 -2.22
N SER B 92 39.81 -8.46 -2.17
CA SER B 92 40.52 -7.53 -3.04
C SER B 92 39.99 -6.09 -2.92
N LEU B 93 40.06 -5.52 -1.72
CA LEU B 93 39.52 -4.19 -1.47
C LEU B 93 40.39 -3.06 -2.03
N LYS B 94 39.75 -1.94 -2.31
CA LYS B 94 40.43 -0.71 -2.72
C LYS B 94 40.19 0.34 -1.65
N PRO B 95 40.96 1.44 -1.65
CA PRO B 95 40.71 2.51 -0.67
C PRO B 95 39.42 3.28 -0.96
N GLU B 96 38.66 2.84 -1.97
CA GLU B 96 37.41 3.48 -2.34
C GLU B 96 36.24 2.87 -1.58
N ASP B 97 36.53 1.89 -0.74
CA ASP B 97 35.50 1.21 0.05
C ASP B 97 35.55 1.64 1.50
N THR B 98 36.18 2.78 1.77
CA THR B 98 36.24 3.33 3.11
C THR B 98 34.90 3.96 3.48
N ALA B 99 34.16 3.28 4.36
CA ALA B 99 32.82 3.71 4.73
C ALA B 99 32.35 3.05 6.00
N VAL B 100 31.22 3.50 6.52
CA VAL B 100 30.58 2.79 7.63
C VAL B 100 29.56 1.80 7.08
N TYR B 101 29.74 0.53 7.44
CA TYR B 101 28.88 -0.54 6.93
C TYR B 101 27.78 -0.90 7.91
N VAL B 102 26.54 -0.56 7.54
CA VAL B 102 25.36 -0.86 8.33
C VAL B 102 24.55 -2.01 7.75
N CYS B 103 23.72 -2.60 8.60
CA CYS B 103 22.99 -3.81 8.25
C CYS B 103 21.48 -3.53 8.22
N SER B 104 20.85 -3.83 7.09
CA SER B 104 19.44 -3.55 6.91
C SER B 104 18.61 -4.82 6.78
N ALA B 105 17.37 -4.77 7.26
CA ALA B 105 16.45 -5.89 7.12
C ALA B 105 15.06 -5.41 6.72
N TRP B 106 14.65 -5.72 5.50
CA TRP B 106 13.31 -5.42 5.04
C TRP B 106 12.49 -6.69 4.98
N THR B 107 11.25 -6.59 5.46
CA THR B 107 10.27 -7.66 5.29
C THR B 107 9.64 -7.44 3.92
N LEU B 108 8.81 -8.39 3.48
CA LEU B 108 8.18 -8.29 2.18
C LEU B 108 7.46 -6.94 2.04
N PHE B 109 7.74 -6.24 0.95
CA PHE B 109 7.14 -4.93 0.68
C PHE B 109 7.56 -3.86 1.69
N HIS B 110 8.72 -4.06 2.31
CA HIS B 110 9.37 -3.03 3.12
C HIS B 110 8.59 -2.53 4.34
N SER B 111 7.59 -3.27 4.77
CA SER B 111 6.77 -2.84 5.90
C SER B 111 7.60 -2.73 7.19
N ASP B 112 8.18 -3.85 7.60
CA ASP B 112 9.08 -3.87 8.75
C ASP B 112 10.52 -3.62 8.33
N GLU B 113 10.95 -2.36 8.40
CA GLU B 113 12.30 -1.98 7.96
C GLU B 113 13.21 -1.70 9.15
N TYR B 114 14.37 -2.33 9.16
CA TYR B 114 15.32 -2.15 10.25
C TYR B 114 16.73 -1.82 9.76
N TRP B 115 17.41 -0.97 10.52
CA TRP B 115 18.81 -0.66 10.27
C TRP B 115 19.61 -1.00 11.51
N GLY B 116 20.92 -1.16 11.36
CA GLY B 116 21.79 -1.40 12.50
C GLY B 116 22.48 -0.11 12.95
N GLN B 117 23.66 -0.26 13.52
CA GLN B 117 24.47 0.89 13.92
C GLN B 117 25.67 1.07 12.99
N GLY B 118 26.29 -0.04 12.63
CA GLY B 118 27.36 -0.03 11.64
C GLY B 118 28.77 -0.21 12.17
N THR B 119 29.68 -0.66 11.30
CA THR B 119 31.09 -0.78 11.66
C THR B 119 32.00 -0.11 10.62
N GLN B 120 33.09 0.49 11.08
CA GLN B 120 34.00 1.22 10.19
C GLN B 120 34.97 0.29 9.48
N VAL B 121 35.08 0.44 8.17
CA VAL B 121 36.04 -0.32 7.39
C VAL B 121 36.93 0.62 6.58
N THR B 122 38.10 0.91 7.12
CA THR B 122 39.05 1.83 6.48
C THR B 122 40.15 1.05 5.77
N VAL B 123 40.30 1.31 4.47
CA VAL B 123 41.28 0.61 3.65
C VAL B 123 42.51 1.47 3.37
N SER B 124 43.69 0.97 3.74
CA SER B 124 44.93 1.71 3.58
C SER B 124 45.41 1.80 2.14
N SER B 125 46.54 2.45 1.94
CA SER B 125 47.15 2.66 0.64
C SER B 125 46.22 3.41 -0.32
C01 IXO C . -19.47 4.32 -3.66
N02 IXO C . -18.93 4.63 -4.97
C03 IXO C . -19.91 5.33 -5.73
C04 IXO C . -18.52 3.36 -5.71
C05 IXO C . -17.75 5.44 -4.79
C06 IXO C . -16.93 5.75 -5.99
C07 IXO C . -16.21 6.07 -7.00
C08 IXO C . -15.44 6.51 -8.29
O09 IXO C . -14.18 5.86 -8.55
C10 IXO C . -14.07 4.50 -8.45
N11 IXO C . -15.14 3.60 -8.58
O12 IXO C . -14.64 2.33 -8.43
C13 IXO C . -13.21 2.42 -8.49
C14 IXO C . -12.89 3.80 -8.22
#